data_7E5G
#
_entry.id   7E5G
#
_cell.length_a   44.841
_cell.length_b   61.803
_cell.length_c   53.134
_cell.angle_alpha   90.000
_cell.angle_beta   106.161
_cell.angle_gamma   90.000
#
_symmetry.space_group_name_H-M   'P 1 21 1'
#
loop_
_entity.id
_entity.type
_entity.pdbx_description
1 polymer 'Peroxisome proliferator-activated receptor alpha'
2 non-polymer '(2S)-2-[[4-butoxy-3-[(pyren-1-ylcarbonylamino)methyl]phenyl]methyl]butanoic acid'
3 water water
#
_entity_poly.entity_id   1
_entity_poly.type   'polypeptide(L)'
_entity_poly.pdbx_seq_one_letter_code
;GSHMTADLKSLAKRIYEAYLKNFNMNKVKARVILSGKASNNPPFVIHDMETLCMAEKTLVAKLVANGIQNKEAEVRIFHC
CQCTSVETVTELTEFAKAIPGFANLDLNDQVTLLKYGVYEAIFAMLSSVMNKDGMLVAYGNGFITREFLKSLRKPFCDIM
EPKFDFAMKFNALELDDSDISLFVAAIICCGDRPGLLNVGHIEKMQEGIVHVLRLHLQSNHPDDIFLFPKLLQKMADLRQ
LVTEHAQLVQIIKKTESDAALHPLLQEIYRDMY
;
_entity_poly.pdbx_strand_id   A
#
loop_
_chem_comp.id
_chem_comp.type
_chem_comp.name
_chem_comp.formula
HVX non-polymer '(2S)-2-[[4-butoxy-3-[(pyren-1-ylcarbonylamino)methyl]phenyl]methyl]butanoic acid' 'C33 H33 N O4'
#
# COMPACT_ATOMS: atom_id res chain seq x y z
N THR A 5 -3.24 -15.13 25.27
CA THR A 5 -1.96 -15.63 25.72
C THR A 5 -0.94 -14.50 25.78
N ALA A 6 -0.01 -14.59 26.74
CA ALA A 6 1.05 -13.58 26.84
C ALA A 6 1.91 -13.56 25.58
N ASP A 7 2.26 -14.74 25.05
CA ASP A 7 3.11 -14.78 23.87
C ASP A 7 2.35 -14.31 22.62
N LEU A 8 1.03 -14.45 22.60
CA LEU A 8 0.26 -14.00 21.45
C LEU A 8 -0.07 -12.51 21.53
N LYS A 9 -0.40 -12.01 22.72
CA LYS A 9 -0.50 -10.57 22.91
C LYS A 9 0.82 -9.88 22.59
N SER A 10 1.93 -10.50 23.03
CA SER A 10 3.24 -9.92 22.75
C SER A 10 3.55 -9.95 21.27
N LEU A 11 3.15 -11.01 20.57
CA LEU A 11 3.37 -11.05 19.13
C LEU A 11 2.63 -9.92 18.43
N ALA A 12 1.37 -9.70 18.79
CA ALA A 12 0.62 -8.61 18.17
C ALA A 12 1.29 -7.27 18.44
N LYS A 13 1.76 -7.05 19.67
CA LYS A 13 2.43 -5.81 20.01
C LYS A 13 3.75 -5.66 19.25
N ARG A 14 4.50 -6.75 19.10
CA ARG A 14 5.74 -6.69 18.35
C ARG A 14 5.49 -6.29 16.90
N ILE A 15 4.47 -6.87 16.27
N ILE A 15 4.49 -6.89 16.26
CA ILE A 15 4.21 -6.51 14.87
CA ILE A 15 4.15 -6.54 14.88
C ILE A 15 3.71 -5.07 14.78
C ILE A 15 3.73 -5.08 14.80
N TYR A 16 2.90 -4.63 15.74
CA TYR A 16 2.46 -3.24 15.77
C TYR A 16 3.65 -2.30 15.91
N GLU A 17 4.58 -2.62 16.79
CA GLU A 17 5.74 -1.75 16.98
C GLU A 17 6.62 -1.73 15.73
N ALA A 18 6.74 -2.87 15.04
CA ALA A 18 7.53 -2.92 13.82
C ALA A 18 6.89 -2.11 12.71
N TYR A 19 5.55 -2.09 12.68
N TYR A 19 5.55 -2.09 12.67
CA TYR A 19 4.82 -1.26 11.73
CA TYR A 19 4.84 -1.26 11.72
C TYR A 19 5.02 0.22 12.03
C TYR A 19 5.05 0.23 12.02
N LEU A 20 4.96 0.60 13.31
CA LEU A 20 5.16 2.01 13.66
C LEU A 20 6.57 2.46 13.34
N LYS A 21 7.55 1.56 13.44
CA LYS A 21 8.94 1.92 13.22
C LYS A 21 9.29 1.99 11.74
N ASN A 22 8.70 1.14 10.91
CA ASN A 22 9.20 0.97 9.54
C ASN A 22 8.41 1.73 8.47
N PHE A 23 7.19 2.15 8.74
CA PHE A 23 6.42 2.92 7.76
C PHE A 23 6.39 4.39 8.15
N ASN A 24 6.68 5.27 7.19
CA ASN A 24 6.78 6.69 7.51
C ASN A 24 5.42 7.27 7.82
N MET A 25 4.38 6.68 7.26
CA MET A 25 3.02 7.16 7.45
C MET A 25 2.24 6.09 8.19
N ASN A 26 1.48 6.53 9.17
CA ASN A 26 0.55 5.66 9.86
C ASN A 26 -0.79 6.37 9.94
N LYS A 27 -1.78 5.65 10.44
CA LYS A 27 -3.15 6.15 10.33
C LYS A 27 -3.41 7.30 11.31
N VAL A 28 -2.88 7.20 12.52
CA VAL A 28 -3.01 8.32 13.46
C VAL A 28 -2.38 9.59 12.87
N LYS A 29 -1.13 9.48 12.42
CA LYS A 29 -0.47 10.62 11.80
C LYS A 29 -1.28 11.14 10.62
N ALA A 30 -1.80 10.23 9.79
CA ALA A 30 -2.52 10.64 8.59
C ALA A 30 -3.80 11.39 8.94
N ARG A 31 -4.50 10.94 10.00
CA ARG A 31 -5.76 11.58 10.36
C ARG A 31 -5.53 12.95 10.98
N VAL A 32 -4.43 13.14 11.68
CA VAL A 32 -4.09 14.46 12.18
C VAL A 32 -3.94 15.44 11.03
N ILE A 33 -3.13 15.08 10.03
CA ILE A 33 -2.96 15.96 8.86
C ILE A 33 -4.28 16.16 8.14
N LEU A 34 -5.03 15.07 7.93
CA LEU A 34 -6.26 15.14 7.15
C LEU A 34 -7.34 15.96 7.84
N SER A 35 -7.22 16.21 9.15
CA SER A 35 -8.22 17.01 9.85
C SER A 35 -7.94 18.50 9.74
N GLY A 36 -6.67 18.92 9.72
CA GLY A 36 -6.32 20.32 9.55
C GLY A 36 -5.79 20.97 10.81
N ASN A 41 4.03 23.02 8.62
CA ASN A 41 3.93 22.79 7.19
C ASN A 41 2.66 21.99 6.83
N PRO A 42 1.54 22.69 6.72
CA PRO A 42 0.26 22.02 6.41
C PRO A 42 0.24 21.51 4.97
N PRO A 43 -0.66 20.58 4.64
CA PRO A 43 -0.64 19.99 3.30
C PRO A 43 -1.11 20.98 2.24
N PHE A 44 -0.32 21.10 1.19
CA PHE A 44 -0.69 21.89 0.03
C PHE A 44 -1.73 21.13 -0.79
N VAL A 45 -2.82 21.80 -1.16
CA VAL A 45 -3.94 21.13 -1.82
C VAL A 45 -3.74 21.17 -3.32
N ILE A 46 -3.72 20.00 -3.95
CA ILE A 46 -3.65 19.87 -5.41
C ILE A 46 -5.06 19.53 -5.90
N HIS A 47 -5.71 20.48 -6.58
CA HIS A 47 -7.06 20.27 -7.06
C HIS A 47 -7.23 20.61 -8.54
N ASP A 48 -6.19 21.10 -9.20
CA ASP A 48 -6.26 21.46 -10.61
C ASP A 48 -4.84 21.52 -11.13
N MET A 49 -4.71 21.86 -12.41
CA MET A 49 -3.40 21.88 -13.04
C MET A 49 -2.50 22.95 -12.44
N GLU A 50 -3.05 24.13 -12.15
CA GLU A 50 -2.25 25.19 -11.56
C GLU A 50 -1.64 24.75 -10.24
N THR A 51 -2.46 24.17 -9.36
CA THR A 51 -1.96 23.76 -8.04
C THR A 51 -1.09 22.51 -8.12
N LEU A 52 -1.34 21.59 -9.07
CA LEU A 52 -0.36 20.53 -9.33
C LEU A 52 1.02 21.09 -9.63
N CYS A 53 1.10 22.03 -10.58
CA CYS A 53 2.40 22.56 -10.99
C CYS A 53 3.06 23.32 -9.85
N MET A 54 2.27 24.02 -9.04
CA MET A 54 2.82 24.71 -7.87
C MET A 54 3.43 23.71 -6.89
N ALA A 55 2.66 22.65 -6.57
CA ALA A 55 3.16 21.62 -5.66
C ALA A 55 4.42 20.96 -6.19
N GLU A 56 4.47 20.68 -7.49
CA GLU A 56 5.66 20.08 -8.08
C GLU A 56 6.89 20.97 -7.93
N LYS A 57 6.73 22.28 -8.13
CA LYS A 57 7.88 23.17 -8.02
C LYS A 57 8.44 23.19 -6.59
N THR A 58 7.60 22.99 -5.59
CA THR A 58 8.09 22.98 -4.21
C THR A 58 8.52 21.59 -3.77
N LEU A 59 7.79 20.55 -4.15
CA LEU A 59 7.98 19.23 -3.54
C LEU A 59 8.79 18.26 -4.39
N VAL A 60 8.80 18.41 -5.72
CA VAL A 60 9.63 17.57 -6.59
C VAL A 60 10.26 18.43 -7.68
N ALA A 61 11.06 19.42 -7.25
CA ALA A 61 11.50 20.48 -8.15
C ALA A 61 12.27 19.93 -9.35
N LYS A 62 13.13 18.93 -9.14
CA LYS A 62 13.92 18.41 -10.25
C LYS A 62 13.05 17.84 -11.36
N LEU A 63 11.89 17.29 -11.00
CA LEU A 63 11.01 16.68 -11.99
C LEU A 63 10.45 17.70 -12.98
N VAL A 64 10.37 18.97 -12.58
CA VAL A 64 9.82 19.99 -13.46
C VAL A 64 10.86 21.06 -13.79
N ALA A 65 12.14 20.74 -13.63
CA ALA A 65 13.22 21.68 -13.88
C ALA A 65 13.74 21.61 -15.31
N ASN A 66 13.03 20.93 -16.22
CA ASN A 66 13.52 20.71 -17.58
C ASN A 66 12.85 21.60 -18.61
N GLY A 67 11.99 22.53 -18.19
CA GLY A 67 11.41 23.49 -19.12
C GLY A 67 10.47 22.83 -20.11
N ILE A 68 10.71 23.09 -21.40
CA ILE A 68 9.89 22.48 -22.45
C ILE A 68 10.13 20.99 -22.58
N GLN A 69 11.16 20.46 -21.92
CA GLN A 69 11.44 19.03 -21.92
C GLN A 69 10.80 18.29 -20.76
N ASN A 70 10.11 18.99 -19.86
CA ASN A 70 9.31 18.33 -18.83
C ASN A 70 8.32 17.38 -19.47
N LYS A 71 8.04 16.27 -18.79
CA LYS A 71 7.03 15.36 -19.30
C LYS A 71 5.64 15.92 -19.08
N GLU A 72 4.68 15.32 -19.79
CA GLU A 72 3.26 15.62 -19.61
C GLU A 72 2.86 15.47 -18.15
N ALA A 73 1.88 16.27 -17.70
CA ALA A 73 1.49 16.26 -16.29
C ALA A 73 1.12 14.86 -15.82
N GLU A 74 0.35 14.13 -16.62
CA GLU A 74 -0.10 12.80 -16.22
C GLU A 74 1.09 11.85 -16.04
N VAL A 75 2.11 12.00 -16.88
CA VAL A 75 3.30 11.16 -16.80
C VAL A 75 4.13 11.52 -15.57
N ARG A 76 4.23 12.82 -15.26
CA ARG A 76 4.89 13.23 -14.02
C ARG A 76 4.19 12.64 -12.80
N ILE A 77 2.86 12.68 -12.79
CA ILE A 77 2.12 12.08 -11.67
C ILE A 77 2.42 10.59 -11.58
N PHE A 78 2.33 9.89 -12.72
CA PHE A 78 2.63 8.47 -12.76
C PHE A 78 4.02 8.18 -12.20
N HIS A 79 5.00 9.03 -12.52
CA HIS A 79 6.35 8.83 -12.00
C HIS A 79 6.39 8.99 -10.49
N CYS A 80 5.73 10.03 -9.96
CA CYS A 80 5.61 10.19 -8.52
C CYS A 80 4.97 8.97 -7.88
N CYS A 81 3.90 8.44 -8.48
CA CYS A 81 3.27 7.24 -7.94
C CYS A 81 4.27 6.10 -7.83
N GLN A 82 5.03 5.86 -8.90
CA GLN A 82 6.00 4.76 -8.91
C GLN A 82 7.05 4.94 -7.82
N CYS A 83 7.53 6.17 -7.65
CA CYS A 83 8.56 6.42 -6.65
C CYS A 83 8.05 6.10 -5.26
N THR A 84 6.78 6.42 -4.98
CA THR A 84 6.23 6.05 -3.67
C THR A 84 6.20 4.55 -3.49
N SER A 85 5.92 3.79 -4.56
CA SER A 85 5.89 2.34 -4.45
C SER A 85 7.28 1.79 -4.15
N VAL A 86 8.30 2.30 -4.82
CA VAL A 86 9.67 1.87 -4.57
C VAL A 86 10.03 2.11 -3.11
N GLU A 87 9.65 3.26 -2.56
CA GLU A 87 9.93 3.54 -1.16
C GLU A 87 9.19 2.58 -0.23
N THR A 88 7.93 2.28 -0.53
CA THR A 88 7.15 1.41 0.35
C THR A 88 7.65 -0.02 0.29
N VAL A 89 8.18 -0.45 -0.86
CA VAL A 89 8.80 -1.76 -0.97
C VAL A 89 9.94 -1.87 0.03
N THR A 90 10.78 -0.83 0.11
CA THR A 90 11.85 -0.82 1.10
C THR A 90 11.31 -0.95 2.50
N GLU A 91 10.28 -0.15 2.85
CA GLU A 91 9.70 -0.22 4.18
C GLU A 91 9.09 -1.58 4.46
N LEU A 92 8.36 -2.14 3.48
CA LEU A 92 7.73 -3.44 3.69
C LEU A 92 8.76 -4.55 3.89
N THR A 93 9.89 -4.46 3.19
CA THR A 93 10.92 -5.49 3.29
C THR A 93 11.52 -5.55 4.68
N GLU A 94 11.73 -4.40 5.32
CA GLU A 94 12.26 -4.40 6.67
C GLU A 94 11.20 -4.82 7.69
N PHE A 95 9.96 -4.37 7.48
CA PHE A 95 8.85 -4.78 8.35
C PHE A 95 8.71 -6.29 8.40
N ALA A 96 8.89 -6.97 7.26
CA ALA A 96 8.66 -8.41 7.19
C ALA A 96 9.55 -9.18 8.14
N LYS A 97 10.69 -8.61 8.53
CA LYS A 97 11.59 -9.28 9.46
C LYS A 97 10.97 -9.50 10.83
N ALA A 98 9.96 -8.72 11.20
CA ALA A 98 9.30 -8.88 12.49
C ALA A 98 8.34 -10.04 12.51
N ILE A 99 8.00 -10.59 11.36
CA ILE A 99 7.03 -11.68 11.29
C ILE A 99 7.73 -12.97 11.72
N PRO A 100 7.27 -13.64 12.77
CA PRO A 100 7.93 -14.87 13.22
C PRO A 100 8.03 -15.89 12.08
N GLY A 101 9.26 -16.30 11.82
CA GLY A 101 9.53 -17.30 10.82
C GLY A 101 9.91 -16.74 9.47
N PHE A 102 9.61 -15.47 9.19
CA PHE A 102 9.88 -14.93 7.86
C PHE A 102 11.37 -14.91 7.57
N ALA A 103 12.17 -14.38 8.50
CA ALA A 103 13.61 -14.32 8.31
C ALA A 103 14.26 -15.71 8.34
N ASN A 104 13.55 -16.73 8.84
CA ASN A 104 14.06 -18.09 8.79
C ASN A 104 13.74 -18.80 7.47
N LEU A 105 12.93 -18.18 6.62
CA LEU A 105 12.63 -18.79 5.33
C LEU A 105 13.83 -18.70 4.39
N ASP A 106 13.82 -19.56 3.38
CA ASP A 106 14.79 -19.47 2.31
C ASP A 106 14.70 -18.09 1.66
N LEU A 107 15.85 -17.58 1.22
CA LEU A 107 15.89 -16.26 0.61
C LEU A 107 14.94 -16.16 -0.57
N ASN A 108 14.84 -17.22 -1.38
CA ASN A 108 13.99 -17.17 -2.56
C ASN A 108 12.52 -17.10 -2.20
N ASP A 109 12.12 -17.75 -1.10
CA ASP A 109 10.73 -17.66 -0.65
C ASP A 109 10.43 -16.29 -0.08
N GLN A 110 11.38 -15.69 0.64
CA GLN A 110 11.20 -14.32 1.10
C GLN A 110 10.93 -13.40 -0.07
N VAL A 111 11.70 -13.56 -1.15
CA VAL A 111 11.51 -12.74 -2.34
C VAL A 111 10.12 -12.95 -2.93
N THR A 112 9.71 -14.21 -3.07
CA THR A 112 8.42 -14.52 -3.65
C THR A 112 7.28 -13.94 -2.83
N LEU A 113 7.34 -14.09 -1.51
CA LEU A 113 6.26 -13.56 -0.69
C LEU A 113 6.15 -12.05 -0.83
N LEU A 114 7.29 -11.35 -0.83
CA LEU A 114 7.27 -9.90 -0.97
C LEU A 114 6.83 -9.50 -2.36
N LYS A 115 7.24 -10.27 -3.38
CA LYS A 115 6.85 -9.97 -4.76
C LYS A 115 5.33 -9.89 -4.90
N TYR A 116 4.62 -10.93 -4.46
CA TYR A 116 3.17 -10.98 -4.57
C TYR A 116 2.46 -10.17 -3.51
N GLY A 117 3.10 -9.90 -2.38
CA GLY A 117 2.42 -9.23 -1.30
C GLY A 117 2.50 -7.71 -1.31
N VAL A 118 3.55 -7.11 -1.88
CA VAL A 118 3.79 -5.69 -1.64
C VAL A 118 2.65 -4.82 -2.15
N TYR A 119 2.12 -5.09 -3.36
CA TYR A 119 1.07 -4.21 -3.86
C TYR A 119 -0.26 -4.43 -3.13
N GLU A 120 -0.52 -5.64 -2.63
CA GLU A 120 -1.69 -5.79 -1.78
C GLU A 120 -1.52 -4.97 -0.51
N ALA A 121 -0.33 -5.03 0.10
CA ALA A 121 -0.05 -4.21 1.27
C ALA A 121 -0.10 -2.72 0.93
N ILE A 122 0.42 -2.33 -0.23
CA ILE A 122 0.46 -0.90 -0.60
C ILE A 122 -0.95 -0.33 -0.64
N PHE A 123 -1.88 -1.05 -1.28
CA PHE A 123 -3.21 -0.47 -1.41
C PHE A 123 -4.00 -0.58 -0.10
N ALA A 124 -3.72 -1.60 0.72
CA ALA A 124 -4.32 -1.64 2.04
C ALA A 124 -3.88 -0.45 2.87
N MET A 125 -2.58 -0.13 2.86
CA MET A 125 -2.07 0.97 3.66
C MET A 125 -2.41 2.33 3.07
N LEU A 126 -2.53 2.44 1.74
CA LEU A 126 -2.91 3.73 1.18
C LEU A 126 -4.30 4.15 1.67
N SER A 127 -5.15 3.19 2.02
CA SER A 127 -6.45 3.53 2.56
C SER A 127 -6.33 4.46 3.76
N SER A 128 -5.26 4.32 4.54
CA SER A 128 -5.08 5.14 5.73
C SER A 128 -4.94 6.62 5.42
N VAL A 129 -4.49 6.98 4.22
CA VAL A 129 -4.27 8.37 3.88
C VAL A 129 -5.33 8.89 2.92
N MET A 130 -6.38 8.13 2.68
CA MET A 130 -7.45 8.48 1.75
C MET A 130 -8.74 8.78 2.50
N ASN A 131 -9.47 9.80 2.04
CA ASN A 131 -10.86 9.97 2.43
C ASN A 131 -11.69 10.13 1.16
N LYS A 132 -12.98 10.41 1.30
CA LYS A 132 -13.84 10.42 0.11
C LYS A 132 -13.52 11.56 -0.83
N ASP A 133 -12.72 12.52 -0.40
CA ASP A 133 -12.43 13.68 -1.23
C ASP A 133 -11.03 13.69 -1.82
N GLY A 134 -10.11 12.86 -1.34
CA GLY A 134 -8.75 12.93 -1.84
C GLY A 134 -7.82 12.11 -0.98
N MET A 135 -6.51 12.37 -1.12
CA MET A 135 -5.54 11.57 -0.40
C MET A 135 -4.30 12.40 -0.11
N LEU A 136 -3.64 12.05 1.00
CA LEU A 136 -2.33 12.63 1.29
C LEU A 136 -1.30 12.08 0.32
N VAL A 137 -0.33 12.93 -0.04
CA VAL A 137 0.80 12.55 -0.88
C VAL A 137 2.03 13.27 -0.35
N ALA A 138 3.19 12.84 -0.87
CA ALA A 138 4.46 13.54 -0.65
C ALA A 138 4.77 13.64 0.85
N TYR A 139 4.74 12.50 1.52
CA TYR A 139 5.13 12.41 2.93
C TYR A 139 4.31 13.35 3.81
N GLY A 140 3.02 13.44 3.50
CA GLY A 140 2.08 14.24 4.26
C GLY A 140 2.03 15.69 3.88
N ASN A 141 2.75 16.10 2.84
CA ASN A 141 2.87 17.52 2.50
C ASN A 141 1.98 17.96 1.36
N GLY A 142 1.24 17.04 0.76
CA GLY A 142 0.23 17.40 -0.21
C GLY A 142 -1.07 16.65 0.07
N PHE A 143 -2.15 17.22 -0.42
CA PHE A 143 -3.44 16.53 -0.46
C PHE A 143 -3.96 16.71 -1.88
N ILE A 144 -4.15 15.62 -2.59
CA ILE A 144 -4.59 15.68 -3.99
C ILE A 144 -6.02 15.21 -4.05
N THR A 145 -6.86 15.94 -4.80
CA THR A 145 -8.28 15.64 -4.74
C THR A 145 -8.62 14.47 -5.65
N ARG A 146 -9.63 13.72 -5.21
CA ARG A 146 -10.12 12.58 -5.97
C ARG A 146 -10.67 13.03 -7.32
N GLU A 147 -11.31 14.19 -7.34
CA GLU A 147 -11.85 14.71 -8.60
C GLU A 147 -10.73 15.11 -9.57
N PHE A 148 -9.64 15.67 -9.05
CA PHE A 148 -8.54 16.01 -9.95
C PHE A 148 -7.95 14.75 -10.58
N LEU A 149 -7.80 13.68 -9.79
CA LEU A 149 -7.26 12.44 -10.36
C LEU A 149 -8.19 11.87 -11.42
N LYS A 150 -9.50 12.02 -11.23
CA LYS A 150 -10.46 11.59 -12.25
C LYS A 150 -10.40 12.44 -13.51
N SER A 151 -9.84 13.64 -13.40
CA SER A 151 -9.79 14.57 -14.53
C SER A 151 -8.62 14.30 -15.46
N LEU A 152 -7.69 13.43 -15.07
CA LEU A 152 -6.54 13.15 -15.90
C LEU A 152 -6.95 12.44 -17.17
N ARG A 153 -6.17 12.63 -18.22
CA ARG A 153 -6.50 11.96 -19.47
C ARG A 153 -6.34 10.45 -19.32
N LYS A 154 -7.16 9.71 -20.06
CA LYS A 154 -7.00 8.27 -20.13
C LYS A 154 -5.63 7.94 -20.69
N PRO A 155 -4.97 6.88 -20.19
CA PRO A 155 -5.50 5.93 -19.20
C PRO A 155 -5.16 6.27 -17.74
N PHE A 156 -4.62 7.45 -17.49
CA PHE A 156 -4.08 7.72 -16.16
C PHE A 156 -5.18 7.96 -15.13
N CYS A 157 -6.33 8.48 -15.55
CA CYS A 157 -7.48 8.63 -14.66
C CYS A 157 -8.07 7.29 -14.22
N ASP A 158 -7.69 6.20 -14.87
CA ASP A 158 -8.23 4.88 -14.57
C ASP A 158 -7.47 4.15 -13.47
N ILE A 159 -6.32 4.69 -13.07
CA ILE A 159 -5.53 4.09 -12.00
C ILE A 159 -6.24 4.23 -10.67
N MET A 160 -6.91 5.36 -10.47
CA MET A 160 -7.16 5.95 -9.18
C MET A 160 -8.46 5.49 -8.54
N GLU A 161 -9.57 5.61 -9.28
CA GLU A 161 -10.87 5.40 -8.67
C GLU A 161 -11.07 4.01 -8.05
N PRO A 162 -10.60 2.90 -8.65
CA PRO A 162 -10.80 1.60 -7.97
C PRO A 162 -10.16 1.54 -6.60
N LYS A 163 -9.05 2.25 -6.40
CA LYS A 163 -8.42 2.25 -5.09
C LYS A 163 -9.21 3.08 -4.09
N PHE A 164 -9.81 4.19 -4.53
CA PHE A 164 -10.70 4.92 -3.64
C PHE A 164 -11.91 4.08 -3.26
N ASP A 165 -12.48 3.35 -4.23
CA ASP A 165 -13.64 2.50 -3.95
C ASP A 165 -13.29 1.47 -2.89
N PHE A 166 -12.13 0.83 -3.04
CA PHE A 166 -11.68 -0.11 -2.03
C PHE A 166 -11.49 0.59 -0.69
N ALA A 167 -10.78 1.72 -0.69
CA ALA A 167 -10.43 2.37 0.57
C ALA A 167 -11.64 2.85 1.33
N MET A 168 -12.70 3.30 0.64
CA MET A 168 -13.83 3.85 1.40
C MET A 168 -14.51 2.75 2.20
N LYS A 169 -14.67 1.57 1.61
CA LYS A 169 -15.24 0.45 2.34
C LYS A 169 -14.27 -0.11 3.38
N PHE A 170 -12.98 -0.16 3.05
CA PHE A 170 -11.98 -0.60 4.03
C PHE A 170 -11.95 0.33 5.23
N ASN A 171 -12.01 1.65 4.98
CA ASN A 171 -11.96 2.60 6.09
C ASN A 171 -13.22 2.56 6.94
N ALA A 172 -14.35 2.11 6.37
CA ALA A 172 -15.59 2.04 7.13
C ALA A 172 -15.52 0.99 8.21
N LEU A 173 -14.55 0.07 8.12
CA LEU A 173 -14.31 -0.92 9.16
C LEU A 173 -13.67 -0.31 10.41
N GLU A 174 -13.15 0.91 10.31
CA GLU A 174 -12.56 1.64 11.43
C GLU A 174 -11.45 0.83 12.11
N LEU A 175 -10.60 0.21 11.30
CA LEU A 175 -9.38 -0.39 11.86
C LEU A 175 -8.44 0.69 12.35
N ASP A 176 -7.64 0.35 13.36
CA ASP A 176 -6.53 1.19 13.75
C ASP A 176 -5.23 0.51 13.36
N ASP A 177 -4.12 1.19 13.65
N ASP A 177 -4.10 1.17 13.62
CA ASP A 177 -2.80 0.73 13.27
CA ASP A 177 -2.85 0.60 13.14
C ASP A 177 -2.46 -0.64 13.85
C ASP A 177 -2.46 -0.70 13.85
N SER A 178 -2.96 -0.94 15.06
CA SER A 178 -2.69 -2.25 15.65
C SER A 178 -3.36 -3.37 14.85
N ASP A 179 -4.51 -3.08 14.25
CA ASP A 179 -5.15 -4.04 13.35
C ASP A 179 -4.42 -4.11 12.01
N ILE A 180 -4.16 -2.94 11.42
CA ILE A 180 -3.61 -2.89 10.06
C ILE A 180 -2.25 -3.55 10.01
N SER A 181 -1.44 -3.38 11.07
CA SER A 181 -0.13 -4.02 11.10
C SER A 181 -0.23 -5.54 10.97
N LEU A 182 -1.17 -6.14 11.71
CA LEU A 182 -1.37 -7.58 11.62
C LEU A 182 -1.96 -7.97 10.26
N PHE A 183 -2.83 -7.13 9.72
CA PHE A 183 -3.39 -7.40 8.40
C PHE A 183 -2.31 -7.41 7.33
N VAL A 184 -1.42 -6.42 7.37
CA VAL A 184 -0.31 -6.38 6.42
C VAL A 184 0.60 -7.60 6.60
N ALA A 185 0.87 -8.01 7.85
CA ALA A 185 1.65 -9.22 8.06
C ALA A 185 0.96 -10.44 7.46
N ALA A 186 -0.36 -10.53 7.63
CA ALA A 186 -1.12 -11.66 7.06
C ALA A 186 -1.04 -11.67 5.54
N ILE A 187 -1.13 -10.49 4.90
CA ILE A 187 -0.97 -10.38 3.46
C ILE A 187 0.37 -10.98 3.02
N ILE A 188 1.45 -10.63 3.72
CA ILE A 188 2.77 -11.09 3.35
C ILE A 188 2.88 -12.61 3.50
N CYS A 189 2.21 -13.18 4.52
CA CYS A 189 2.24 -14.63 4.76
C CYS A 189 1.09 -15.36 4.07
N CYS A 190 1.14 -15.37 2.74
CA CYS A 190 0.20 -16.17 1.97
C CYS A 190 0.93 -17.37 1.42
N GLY A 191 0.51 -18.57 1.83
CA GLY A 191 1.18 -19.77 1.39
C GLY A 191 0.84 -20.23 -0.01
N ASP A 192 -0.18 -19.63 -0.63
CA ASP A 192 -0.61 -20.03 -1.95
C ASP A 192 -0.01 -19.17 -3.06
N ARG A 193 1.04 -18.40 -2.75
CA ARG A 193 1.72 -17.64 -3.79
C ARG A 193 2.39 -18.59 -4.78
N PRO A 194 2.35 -18.28 -6.07
CA PRO A 194 2.98 -19.16 -7.06
C PRO A 194 4.50 -19.22 -6.86
N GLY A 195 5.04 -20.42 -6.95
CA GLY A 195 6.47 -20.60 -6.96
C GLY A 195 7.15 -20.75 -5.62
N LEU A 196 6.39 -20.98 -4.55
CA LEU A 196 7.00 -21.12 -3.23
C LEU A 196 7.67 -22.48 -3.09
N LEU A 197 8.85 -22.48 -2.47
CA LEU A 197 9.62 -23.71 -2.28
C LEU A 197 9.12 -24.49 -1.08
N ASN A 198 9.11 -23.85 0.09
CA ASN A 198 8.72 -24.51 1.33
C ASN A 198 7.33 -24.04 1.75
N VAL A 199 6.32 -24.51 1.01
CA VAL A 199 4.93 -24.12 1.26
C VAL A 199 4.52 -24.49 2.67
N GLY A 200 4.93 -25.66 3.16
CA GLY A 200 4.48 -26.09 4.47
C GLY A 200 4.91 -25.14 5.58
N HIS A 201 6.18 -24.72 5.57
CA HIS A 201 6.63 -23.81 6.61
C HIS A 201 5.92 -22.47 6.50
N ILE A 202 5.60 -22.04 5.29
CA ILE A 202 4.92 -20.76 5.10
C ILE A 202 3.48 -20.84 5.61
N GLU A 203 2.81 -21.97 5.37
CA GLU A 203 1.47 -22.14 5.89
C GLU A 203 1.46 -22.09 7.42
N LYS A 204 2.49 -22.64 8.06
CA LYS A 204 2.54 -22.57 9.52
C LYS A 204 2.80 -21.15 9.99
N MET A 205 3.69 -20.43 9.29
CA MET A 205 3.94 -19.03 9.62
C MET A 205 2.66 -18.22 9.46
N GLN A 206 1.97 -18.41 8.33
CA GLN A 206 0.67 -17.77 8.09
C GLN A 206 -0.34 -18.10 9.19
N GLU A 207 -0.46 -19.38 9.53
CA GLU A 207 -1.40 -19.78 10.56
C GLU A 207 -1.14 -19.03 11.85
N GLY A 208 0.14 -18.86 12.22
CA GLY A 208 0.47 -18.13 13.43
C GLY A 208 0.05 -16.68 13.38
N ILE A 209 0.31 -16.00 12.26
CA ILE A 209 -0.06 -14.60 12.15
C ILE A 209 -1.58 -14.45 12.11
N VAL A 210 -2.26 -15.30 11.34
CA VAL A 210 -3.72 -15.19 11.24
C VAL A 210 -4.36 -15.51 12.59
N HIS A 211 -3.76 -16.42 13.36
CA HIS A 211 -4.27 -16.71 14.70
C HIS A 211 -4.19 -15.47 15.58
N VAL A 212 -3.05 -14.76 15.53
CA VAL A 212 -2.88 -13.54 16.30
C VAL A 212 -3.84 -12.45 15.82
N LEU A 213 -4.03 -12.36 14.50
CA LEU A 213 -4.98 -11.38 13.96
C LEU A 213 -6.39 -11.67 14.44
N ARG A 214 -6.81 -12.93 14.42
CA ARG A 214 -8.17 -13.28 14.85
C ARG A 214 -8.38 -12.90 16.31
N LEU A 215 -7.45 -13.29 17.18
CA LEU A 215 -7.59 -12.96 18.60
C LEU A 215 -7.56 -11.45 18.83
N HIS A 216 -6.69 -10.74 18.11
CA HIS A 216 -6.59 -9.29 18.28
C HIS A 216 -7.89 -8.59 17.87
N LEU A 217 -8.48 -8.98 16.74
CA LEU A 217 -9.72 -8.34 16.31
C LEU A 217 -10.84 -8.60 17.31
N GLN A 218 -10.87 -9.81 17.88
CA GLN A 218 -11.85 -10.16 18.90
C GLN A 218 -11.73 -9.22 20.10
N SER A 219 -10.51 -8.96 20.56
CA SER A 219 -10.30 -8.07 21.71
C SER A 219 -10.52 -6.61 21.34
N ASN A 220 -9.99 -6.19 20.19
CA ASN A 220 -9.95 -4.77 19.87
C ASN A 220 -11.26 -4.25 19.27
N HIS A 221 -12.09 -5.13 18.72
CA HIS A 221 -13.36 -4.76 18.09
C HIS A 221 -14.45 -5.68 18.60
N PRO A 222 -14.78 -5.61 19.88
CA PRO A 222 -15.85 -6.47 20.41
C PRO A 222 -17.22 -6.15 19.84
N ASP A 223 -17.35 -5.02 19.15
CA ASP A 223 -18.61 -4.57 18.59
C ASP A 223 -18.91 -5.15 17.21
N ASP A 224 -17.96 -5.86 16.58
CA ASP A 224 -18.13 -6.33 15.20
C ASP A 224 -17.70 -7.80 15.13
N ILE A 225 -18.66 -8.71 15.31
CA ILE A 225 -18.32 -10.14 15.37
C ILE A 225 -17.98 -10.73 14.01
N PHE A 226 -18.22 -10.01 12.93
CA PHE A 226 -17.85 -10.45 11.60
C PHE A 226 -16.53 -9.83 11.11
N LEU A 227 -15.80 -9.11 11.96
CA LEU A 227 -14.69 -8.34 11.42
C LEU A 227 -13.61 -9.23 10.82
N PHE A 228 -13.36 -10.40 11.43
CA PHE A 228 -12.31 -11.27 10.88
C PHE A 228 -12.70 -11.82 9.52
N PRO A 229 -13.87 -12.43 9.32
CA PRO A 229 -14.20 -12.87 7.95
C PRO A 229 -14.28 -11.72 6.97
N LYS A 230 -14.70 -10.53 7.40
CA LYS A 230 -14.68 -9.37 6.52
C LYS A 230 -13.27 -9.08 6.02
N LEU A 231 -12.28 -9.15 6.91
CA LEU A 231 -10.91 -8.86 6.49
C LEU A 231 -10.34 -9.98 5.63
N LEU A 232 -10.73 -11.24 5.88
CA LEU A 232 -10.35 -12.29 4.94
C LEU A 232 -10.84 -11.96 3.54
N GLN A 233 -12.09 -11.47 3.43
CA GLN A 233 -12.62 -11.08 2.12
C GLN A 233 -11.83 -9.92 1.54
N LYS A 234 -11.48 -8.94 2.38
CA LYS A 234 -10.69 -7.81 1.88
C LYS A 234 -9.34 -8.27 1.32
N MET A 235 -8.74 -9.33 1.88
CA MET A 235 -7.50 -9.85 1.31
C MET A 235 -7.72 -10.39 -0.09
N ALA A 236 -8.82 -11.12 -0.30
CA ALA A 236 -9.16 -11.57 -1.64
C ALA A 236 -9.45 -10.40 -2.56
N ASP A 237 -10.20 -9.41 -2.07
CA ASP A 237 -10.47 -8.22 -2.89
C ASP A 237 -9.17 -7.55 -3.30
N LEU A 238 -8.20 -7.47 -2.39
CA LEU A 238 -6.94 -6.82 -2.72
C LEU A 238 -6.18 -7.58 -3.80
N ARG A 239 -6.17 -8.92 -3.73
CA ARG A 239 -5.53 -9.71 -4.77
C ARG A 239 -6.12 -9.39 -6.14
N GLN A 240 -7.45 -9.30 -6.23
CA GLN A 240 -8.08 -8.93 -7.49
C GLN A 240 -7.76 -7.49 -7.88
N LEU A 241 -7.76 -6.57 -6.92
CA LEU A 241 -7.41 -5.18 -7.22
C LEU A 241 -6.01 -5.08 -7.81
N VAL A 242 -5.08 -5.89 -7.28
CA VAL A 242 -3.71 -5.85 -7.76
C VAL A 242 -3.60 -6.47 -9.14
N THR A 243 -4.30 -7.59 -9.38
CA THR A 243 -4.33 -8.18 -10.71
C THR A 243 -4.79 -7.15 -11.74
N GLU A 244 -5.89 -6.46 -11.44
CA GLU A 244 -6.40 -5.44 -12.36
C GLU A 244 -5.43 -4.28 -12.48
N HIS A 245 -4.79 -3.89 -11.38
CA HIS A 245 -3.83 -2.79 -11.44
C HIS A 245 -2.65 -3.14 -12.34
N ALA A 246 -2.12 -4.35 -12.20
CA ALA A 246 -1.01 -4.79 -13.06
C ALA A 246 -1.40 -4.73 -14.52
N GLN A 247 -2.64 -5.14 -14.84
CA GLN A 247 -3.10 -5.08 -16.23
C GLN A 247 -3.12 -3.66 -16.75
N LEU A 248 -3.58 -2.70 -15.93
CA LEU A 248 -3.64 -1.31 -16.37
C LEU A 248 -2.24 -0.73 -16.54
N VAL A 249 -1.32 -1.11 -15.65
CA VAL A 249 0.05 -0.62 -15.75
C VAL A 249 0.70 -1.13 -17.03
N GLN A 250 0.39 -2.36 -17.42
CA GLN A 250 0.92 -2.92 -18.66
C GLN A 250 0.38 -2.17 -19.87
N ILE A 251 -0.88 -1.76 -19.84
CA ILE A 251 -1.43 -0.92 -20.91
C ILE A 251 -0.66 0.38 -21.01
N ILE A 252 -0.44 1.02 -19.86
CA ILE A 252 0.31 2.28 -19.85
C ILE A 252 1.71 2.06 -20.38
N LYS A 253 2.34 0.95 -19.97
CA LYS A 253 3.70 0.67 -20.45
C LYS A 253 3.73 0.50 -21.96
N LYS A 254 2.73 -0.18 -22.53
CA LYS A 254 2.74 -0.43 -23.97
C LYS A 254 2.36 0.79 -24.78
N THR A 255 1.49 1.65 -24.28
CA THR A 255 0.91 2.73 -25.07
C THR A 255 1.44 4.11 -24.71
N GLU A 256 2.27 4.23 -23.67
CA GLU A 256 2.80 5.52 -23.21
C GLU A 256 4.32 5.41 -23.11
N SER A 257 5.02 5.84 -24.16
CA SER A 257 6.47 5.67 -24.19
C SER A 257 7.17 6.48 -23.10
N ASP A 258 6.60 7.61 -22.70
CA ASP A 258 7.23 8.45 -21.69
C ASP A 258 7.02 7.94 -20.27
N ALA A 259 6.11 7.01 -20.05
CA ALA A 259 5.82 6.50 -18.72
C ALA A 259 6.69 5.28 -18.44
N ALA A 260 7.99 5.54 -18.33
CA ALA A 260 8.95 4.47 -18.05
C ALA A 260 8.70 3.89 -16.68
N LEU A 261 8.83 2.58 -16.58
CA LEU A 261 8.60 1.86 -15.33
C LEU A 261 9.93 1.62 -14.64
N HIS A 262 10.00 1.97 -13.36
CA HIS A 262 11.20 1.75 -12.56
C HIS A 262 11.59 0.27 -12.59
N PRO A 263 12.89 -0.05 -12.69
CA PRO A 263 13.30 -1.45 -12.82
C PRO A 263 12.87 -2.34 -11.68
N LEU A 264 12.85 -1.83 -10.44
CA LEU A 264 12.41 -2.65 -9.31
C LEU A 264 10.96 -3.05 -9.47
N LEU A 265 10.12 -2.11 -9.91
CA LEU A 265 8.71 -2.43 -10.08
C LEU A 265 8.49 -3.33 -11.28
N GLN A 266 9.30 -3.16 -12.33
CA GLN A 266 9.24 -4.08 -13.46
C GLN A 266 9.47 -5.51 -13.03
N GLU A 267 10.44 -5.72 -12.13
CA GLU A 267 10.70 -7.08 -11.64
C GLU A 267 9.54 -7.60 -10.80
N ILE A 268 8.93 -6.74 -9.99
CA ILE A 268 7.76 -7.15 -9.22
C ILE A 268 6.64 -7.61 -10.15
N TYR A 269 6.37 -6.82 -11.20
CA TYR A 269 5.27 -7.16 -12.08
C TYR A 269 5.59 -8.34 -12.98
N ARG A 270 6.87 -8.67 -13.17
CA ARG A 270 7.27 -9.65 -14.16
C ARG A 270 6.82 -11.05 -13.75
N ASP A 271 6.06 -11.70 -14.63
CA ASP A 271 5.51 -13.03 -14.38
C ASP A 271 4.55 -13.04 -13.19
N MET A 272 3.93 -11.89 -12.91
CA MET A 272 2.94 -11.83 -11.83
C MET A 272 1.57 -12.29 -12.33
N TYR A 273 0.90 -11.46 -13.12
CA TYR A 273 -0.42 -11.80 -13.66
C TYR A 273 -0.28 -12.55 -14.98
C1 HVX B . 2.59 1.53 -9.03
C10 HVX B . -1.87 5.17 -7.33
C11 HVX B . -1.18 4.05 -7.70
C12 HVX B . -3.37 7.31 -6.26
C13 HVX B . -4.13 6.49 -5.24
C14 HVX B . -5.44 6.01 -5.78
C15 HVX B . 0.44 6.70 -4.76
C16 HVX B . -5.05 4.98 -6.81
C17 HVX B . 2.06 11.39 -5.28
C19 HVX B . 1.89 12.61 -5.99
C2 HVX B . 1.81 2.81 -8.70
C22 HVX B . 0.00 10.58 -6.28
C3 HVX B . 1.12 3.38 -9.96
C4 HVX B . 2.11 3.86 -11.00
C5 HVX B . 0.82 2.52 -7.57
C6 HVX B . 0.05 3.75 -7.14
C7 HVX B . 0.56 4.62 -6.19
C8 HVX B . -0.12 5.76 -5.77
C85 HVX B . 4.91 14.51 -4.89
C86 HVX B . 4.73 15.69 -5.57
C87 HVX B . 1.08 10.37 -5.42
C88 HVX B . 3.64 15.88 -6.40
C89 HVX B . 2.69 14.87 -6.56
C9 HVX B . -1.35 6.03 -6.38
C91 HVX B . 1.54 15.02 -7.41
C92 HVX B . 0.63 14.02 -7.55
C93 HVX B . 3.20 11.24 -4.42
C94 HVX B . 4.12 12.23 -4.30
C95 HVX B . 3.98 13.47 -5.00
C96 HVX B . 2.85 13.65 -5.86
C97 HVX B . 1.17 9.04 -4.71
C98 HVX B . 0.76 12.79 -6.84
C99 HVX B . -0.16 11.75 -6.97
N99 HVX B . 0.63 8.02 -5.35
O1 HVX B . 2.09 0.72 -9.84
O2 HVX B . 3.67 1.35 -8.43
O3 HVX B . -1.98 7.16 -5.94
O99 HVX B . 1.63 8.95 -3.57
#